data_7LV6
#
_entry.id   7LV6
#
_cell.length_a   48.749
_cell.length_b   100.999
_cell.length_c   61.749
_cell.angle_alpha   90.000
_cell.angle_beta   113.060
_cell.angle_gamma   90.000
#
_symmetry.space_group_name_H-M   'P 1 21 1'
#
loop_
_entity.id
_entity.type
_entity.pdbx_description
1 polymer 'Oligo-1,6-glucosidase 1'
2 non-polymer 2-AMINO-2-HYDROXYMETHYL-PROPANE-1,3-DIOL
3 non-polymer GLYCEROL
4 non-polymer 'CALCIUM ION'
5 water water
#
_entity_poly.entity_id   1
_entity_poly.type   'polypeptide(L)'
_entity_poly.pdbx_seq_one_letter_code
;MSYYHHHHHHDYDIPTTENLYFQGAMGEWWKEAVVYQIYPRSFYDANGDGFGDLQGVIQKLDYIKNLGADVIWLSPVFDS
PQDDNGYDISDYKNMYEKFGTNEDMFQLIDEVHKRGMKIVMDLVVNHTSDEHAWFAESRKSKDNPYRDYYLWKDPKPDGS
EPNNWGSIFSGSAWTYDEGTGQYYLHYFSKKQPDLNWENEAVRREVYDVMRFWMDRGVDGWRMDVIGSISKYTDFPDYET
DHSRSYIVGRYHSNGPRLHEFIQEMNREVLSHYDCMTVGEANGSDIEEAKKYTDASRQELNMIFTFEHMDIDKEQNSPNG
KWQIKPFDLIALKKTMTRWQTGLMNVGWNTLYFENHDQPRVISRWGNDRKLRKECAKAFATVLHGMKGTPFIYQGEEIGM
VNSDMPLEMYDDLEIKNAYRELVVENKTMSEKEFVKAVMIKGRDHARTPMQWDAGKHAGFTAGDPWIPVNSRYQDINVKE
SLEDQDSIFFYYQKLIQLRKQYKIMIYGDYQLLQENDPQVFSYLREYRGEKLLVVVNLSEEKALFEAPPELIHERWKVLI
RNYPQERADLKSISLKPYEAVMGISI
;
_entity_poly.pdbx_strand_id   B
#
loop_
_chem_comp.id
_chem_comp.type
_chem_comp.name
_chem_comp.formula
CA non-polymer 'CALCIUM ION' 'Ca 2'
GOL non-polymer GLYCEROL 'C3 H8 O3'
TRS non-polymer 2-AMINO-2-HYDROXYMETHYL-PROPANE-1,3-DIOL 'C4 H12 N O3 1'
#
# COMPACT_ATOMS: atom_id res chain seq x y z
N GLU A 28 -20.75 -4.65 8.90
CA GLU A 28 -19.77 -4.60 7.81
C GLU A 28 -19.58 -3.19 7.23
N TRP A 29 -19.40 -2.22 8.14
CA TRP A 29 -19.05 -0.85 7.75
C TRP A 29 -17.78 -0.80 6.92
N TRP A 30 -16.88 -1.79 7.07
CA TRP A 30 -15.65 -1.78 6.33
C TRP A 30 -15.87 -2.07 4.84
N LYS A 31 -17.00 -2.71 4.47
CA LYS A 31 -17.31 -2.90 3.06
C LYS A 31 -17.69 -1.59 2.38
N GLU A 32 -18.27 -0.65 3.14
CA GLU A 32 -18.80 0.60 2.61
C GLU A 32 -17.83 1.76 2.84
N ALA A 33 -16.68 1.50 3.43
CA ALA A 33 -15.74 2.55 3.78
C ALA A 33 -14.93 2.99 2.57
N VAL A 34 -14.43 4.21 2.68
CA VAL A 34 -13.32 4.71 1.87
C VAL A 34 -12.23 5.08 2.86
N VAL A 35 -11.05 4.49 2.68
CA VAL A 35 -9.95 4.66 3.63
C VAL A 35 -8.97 5.69 3.08
N TYR A 36 -8.53 6.60 3.94
CA TYR A 36 -7.46 7.56 3.61
C TYR A 36 -6.21 7.12 4.36
N GLN A 37 -5.12 6.83 3.64
CA GLN A 37 -3.86 6.45 4.24
C GLN A 37 -3.02 7.70 4.49
N ILE A 38 -2.65 7.90 5.74
CA ILE A 38 -1.73 8.92 6.17
C ILE A 38 -0.35 8.29 6.39
N TYR A 39 0.67 8.97 5.87
CA TYR A 39 2.09 8.67 6.14
C TYR A 39 2.53 9.81 7.04
N PRO A 40 2.40 9.64 8.37
CA PRO A 40 2.36 10.82 9.23
C PRO A 40 3.64 11.63 9.26
N ARG A 41 4.82 11.05 9.06
CA ARG A 41 6.02 11.91 9.08
C ARG A 41 6.01 12.93 7.96
N SER A 42 5.15 12.74 6.95
CA SER A 42 5.09 13.59 5.79
C SER A 42 3.73 14.24 5.60
N PHE A 43 2.87 14.26 6.62
CA PHE A 43 1.52 14.79 6.45
C PHE A 43 1.43 16.24 6.90
N TYR A 44 1.57 16.56 8.18
CA TYR A 44 1.57 17.95 8.63
C TYR A 44 2.42 18.10 9.89
N ASP A 45 3.38 19.03 9.86
CA ASP A 45 4.29 19.29 10.96
C ASP A 45 3.78 20.47 11.76
N ALA A 46 3.07 20.21 12.85
CA ALA A 46 2.54 21.31 13.64
C ALA A 46 3.61 22.02 14.48
N ASN A 47 4.69 21.35 14.89
CA ASN A 47 5.60 21.96 15.86
C ASN A 47 6.92 22.47 15.26
N GLY A 48 7.11 22.37 13.95
CA GLY A 48 8.19 23.08 13.29
C GLY A 48 9.52 22.39 13.19
N ASP A 49 9.64 21.12 13.60
CA ASP A 49 10.89 20.39 13.52
C ASP A 49 11.10 19.70 12.17
N GLY A 50 10.18 19.89 11.22
CA GLY A 50 10.27 19.33 9.89
C GLY A 50 9.73 17.92 9.76
N PHE A 51 9.20 17.35 10.85
CA PHE A 51 8.76 15.96 10.93
C PHE A 51 7.26 15.99 11.24
N GLY A 52 6.45 15.39 10.37
CA GLY A 52 5.02 15.40 10.62
C GLY A 52 4.66 14.72 11.94
N ASP A 53 3.62 15.24 12.61
CA ASP A 53 3.33 14.77 13.96
C ASP A 53 1.83 14.51 14.16
N LEU A 54 1.52 13.93 15.32
CA LEU A 54 0.15 13.52 15.60
C LEU A 54 -0.78 14.72 15.78
N GLN A 55 -0.32 15.77 16.47
CA GLN A 55 -1.13 16.98 16.55
C GLN A 55 -1.34 17.58 15.17
N GLY A 56 -0.37 17.42 14.27
CA GLY A 56 -0.57 17.84 12.90
C GLY A 56 -1.69 17.07 12.22
N VAL A 57 -1.73 15.75 12.42
CA VAL A 57 -2.84 14.97 11.89
C VAL A 57 -4.16 15.50 12.43
N ILE A 58 -4.23 15.72 13.75
CA ILE A 58 -5.47 16.20 14.37
C ILE A 58 -5.94 17.48 13.68
N GLN A 59 -5.01 18.40 13.42
CA GLN A 59 -5.35 19.69 12.82
C GLN A 59 -5.81 19.55 11.37
N LYS A 60 -5.56 18.42 10.73
CA LYS A 60 -5.97 18.19 9.34
C LYS A 60 -7.15 17.22 9.20
N LEU A 61 -7.73 16.77 10.32
CA LEU A 61 -8.83 15.81 10.21
C LEU A 61 -10.03 16.40 9.49
N ASP A 62 -10.32 17.69 9.70
CA ASP A 62 -11.47 18.28 9.01
C ASP A 62 -11.30 18.21 7.49
N TYR A 63 -10.06 18.37 7.00
CA TYR A 63 -9.78 18.24 5.57
C TYR A 63 -10.16 16.85 5.07
N ILE A 64 -9.74 15.83 5.82
CA ILE A 64 -10.03 14.46 5.40
C ILE A 64 -11.52 14.19 5.44
N LYS A 65 -12.21 14.66 6.47
N LYS A 65 -12.20 14.68 6.47
CA LYS A 65 -13.65 14.45 6.52
CA LYS A 65 -13.65 14.50 6.57
C LYS A 65 -14.34 15.16 5.36
C LYS A 65 -14.38 15.19 5.44
N ASN A 66 -13.90 16.37 5.02
CA ASN A 66 -14.51 17.08 3.90
C ASN A 66 -14.30 16.34 2.58
N LEU A 67 -13.11 15.74 2.40
CA LEU A 67 -12.90 14.87 1.25
C LEU A 67 -13.97 13.77 1.24
N GLY A 68 -14.20 13.17 2.40
CA GLY A 68 -15.27 12.21 2.59
C GLY A 68 -14.82 10.83 3.03
N ALA A 69 -13.54 10.60 3.26
CA ALA A 69 -13.10 9.32 3.77
C ALA A 69 -13.66 9.15 5.17
N ASP A 70 -14.02 7.92 5.51
CA ASP A 70 -14.54 7.66 6.85
C ASP A 70 -13.65 6.77 7.69
N VAL A 71 -12.53 6.30 7.15
CA VAL A 71 -11.54 5.52 7.89
C VAL A 71 -10.18 6.10 7.54
N ILE A 72 -9.35 6.26 8.55
N ILE A 72 -9.33 6.27 8.54
CA ILE A 72 -7.94 6.62 8.35
CA ILE A 72 -7.94 6.66 8.30
C ILE A 72 -7.09 5.42 8.72
C ILE A 72 -7.01 5.54 8.77
N TRP A 73 -6.11 5.12 7.88
CA TRP A 73 -5.04 4.16 8.19
C TRP A 73 -3.79 5.00 8.39
N LEU A 74 -3.24 4.94 9.60
CA LEU A 74 -2.02 5.62 9.95
C LEU A 74 -0.84 4.66 9.83
N SER A 75 0.13 5.00 9.00
CA SER A 75 1.39 4.27 8.99
CA SER A 75 1.39 4.29 8.97
C SER A 75 2.05 4.42 10.36
N PRO A 76 3.04 3.57 10.67
CA PRO A 76 3.38 3.35 12.09
C PRO A 76 4.06 4.50 12.80
N VAL A 77 3.54 4.80 13.99
CA VAL A 77 3.96 5.90 14.83
C VAL A 77 4.59 5.42 16.13
N PHE A 78 4.72 4.10 16.30
CA PHE A 78 5.29 3.50 17.49
C PHE A 78 6.78 3.82 17.58
N ASP A 79 7.32 3.69 18.79
CA ASP A 79 8.74 3.99 18.96
C ASP A 79 9.57 3.11 18.04
N SER A 80 10.59 3.71 17.42
CA SER A 80 11.34 3.06 16.36
C SER A 80 12.57 3.91 16.09
N PRO A 81 13.73 3.29 15.83
CA PRO A 81 14.90 4.08 15.42
C PRO A 81 14.85 4.55 13.98
N GLN A 82 13.79 4.24 13.25
CA GLN A 82 13.53 4.79 11.92
C GLN A 82 14.46 4.24 10.84
N ASP A 83 15.04 3.06 11.03
CA ASP A 83 15.81 2.45 9.95
C ASP A 83 14.96 2.21 8.72
N ASP A 84 13.69 1.84 8.91
CA ASP A 84 12.70 1.70 7.86
C ASP A 84 11.50 2.57 8.19
N ASN A 85 11.77 3.77 8.69
CA ASN A 85 10.74 4.81 8.87
C ASN A 85 9.50 4.27 9.57
N GLY A 86 9.72 3.65 10.74
CA GLY A 86 8.68 3.23 11.62
C GLY A 86 8.31 1.76 11.51
N TYR A 87 8.71 1.09 10.43
CA TYR A 87 8.42 -0.32 10.26
C TYR A 87 9.43 -1.21 10.99
N ASP A 88 10.33 -0.60 11.76
CA ASP A 88 11.25 -1.26 12.68
C ASP A 88 10.90 -0.77 14.08
N ILE A 89 10.03 -1.50 14.79
CA ILE A 89 9.44 -1.03 16.03
C ILE A 89 10.27 -1.47 17.23
N SER A 90 10.61 -0.52 18.08
CA SER A 90 11.34 -0.81 19.30
C SER A 90 10.47 -0.77 20.57
N ASP A 91 9.22 -0.31 20.48
CA ASP A 91 8.27 -0.36 21.61
C ASP A 91 6.86 -0.28 21.04
N TYR A 92 6.08 -1.35 21.19
CA TYR A 92 4.71 -1.38 20.67
C TYR A 92 3.72 -0.58 21.50
N LYS A 93 4.07 -0.16 22.72
CA LYS A 93 3.10 0.53 23.61
C LYS A 93 3.48 1.98 23.88
N ASN A 94 4.33 2.56 23.04
CA ASN A 94 4.72 3.99 23.17
C ASN A 94 4.94 4.57 21.77
N MET A 95 4.78 5.88 21.64
CA MET A 95 4.96 6.57 20.35
C MET A 95 6.43 6.97 20.20
N TYR A 96 6.91 7.04 18.96
CA TYR A 96 8.18 7.69 18.66
C TYR A 96 8.07 9.17 19.04
N GLU A 97 9.11 9.68 19.71
CA GLU A 97 9.01 11.00 20.32
C GLU A 97 8.67 12.10 19.34
N LYS A 98 9.14 12.02 18.09
CA LYS A 98 8.81 13.09 17.15
C LYS A 98 7.35 13.07 16.74
N PHE A 99 6.66 11.94 16.84
CA PHE A 99 5.23 11.93 16.58
C PHE A 99 4.45 12.56 17.73
N GLY A 100 4.90 12.36 18.96
CA GLY A 100 4.24 12.85 20.16
C GLY A 100 4.36 11.82 21.25
N THR A 101 3.39 11.81 22.14
CA THR A 101 3.31 10.83 23.20
C THR A 101 2.02 10.03 23.03
N ASN A 102 1.85 9.00 23.87
CA ASN A 102 0.60 8.26 23.84
C ASN A 102 -0.59 9.17 24.09
N GLU A 103 -0.44 10.22 24.90
CA GLU A 103 -1.53 11.16 25.14
C GLU A 103 -2.00 11.79 23.82
N ASP A 104 -1.06 12.17 22.96
CA ASP A 104 -1.42 12.69 21.64
C ASP A 104 -2.15 11.64 20.80
N MET A 105 -1.69 10.39 20.88
CA MET A 105 -2.31 9.31 20.12
C MET A 105 -3.74 9.09 20.63
N PHE A 106 -3.95 9.08 21.95
CA PHE A 106 -5.30 8.92 22.48
C PHE A 106 -6.21 10.09 22.09
N GLN A 107 -5.66 11.30 22.05
CA GLN A 107 -6.45 12.42 21.57
C GLN A 107 -6.83 12.23 20.10
N LEU A 108 -5.87 11.77 19.28
CA LEU A 108 -6.18 11.53 17.87
C LEU A 108 -7.33 10.53 17.72
N ILE A 109 -7.28 9.42 18.47
CA ILE A 109 -8.36 8.44 18.43
C ILE A 109 -9.70 9.12 18.76
N ASP A 110 -9.71 9.92 19.81
CA ASP A 110 -10.96 10.59 20.20
CA ASP A 110 -10.96 10.60 20.20
C ASP A 110 -11.44 11.57 19.13
N GLU A 111 -10.51 12.33 18.55
CA GLU A 111 -10.84 13.32 17.53
C GLU A 111 -11.40 12.65 16.27
N VAL A 112 -10.86 11.49 15.90
CA VAL A 112 -11.38 10.71 14.79
C VAL A 112 -12.81 10.30 15.09
N HIS A 113 -13.04 9.74 16.28
CA HIS A 113 -14.37 9.27 16.64
C HIS A 113 -15.39 10.41 16.75
N LYS A 114 -14.95 11.58 17.23
CA LYS A 114 -15.86 12.73 17.32
C LYS A 114 -16.39 13.15 15.97
N ARG A 115 -15.64 12.88 14.91
CA ARG A 115 -16.02 13.19 13.54
C ARG A 115 -16.74 12.05 12.86
N GLY A 116 -17.08 11.00 13.58
CA GLY A 116 -17.78 9.89 12.96
C GLY A 116 -16.90 9.05 12.10
N MET A 117 -15.58 9.06 12.34
CA MET A 117 -14.63 8.31 11.55
CA MET A 117 -14.64 8.30 11.54
C MET A 117 -14.04 7.19 12.39
N LYS A 118 -13.29 6.31 11.73
CA LYS A 118 -12.61 5.20 12.36
C LYS A 118 -11.11 5.29 12.08
N ILE A 119 -10.32 4.74 12.99
CA ILE A 119 -8.86 4.72 12.84
C ILE A 119 -8.32 3.31 12.86
N VAL A 120 -7.48 3.01 11.86
CA VAL A 120 -6.78 1.75 11.70
C VAL A 120 -5.30 2.03 11.87
N MET A 121 -4.65 1.24 12.72
N MET A 121 -4.64 1.23 12.71
CA MET A 121 -3.23 1.35 12.96
CA MET A 121 -3.21 1.36 12.94
C MET A 121 -2.48 0.26 12.20
C MET A 121 -2.47 0.26 12.19
N ASP A 122 -1.16 0.46 12.06
CA ASP A 122 -0.29 -0.48 11.36
C ASP A 122 0.27 -1.49 12.36
N LEU A 123 -0.08 -2.78 12.20
CA LEU A 123 0.39 -3.85 13.07
C LEU A 123 1.61 -4.44 12.37
N VAL A 124 2.78 -4.29 12.97
CA VAL A 124 4.05 -4.70 12.36
C VAL A 124 4.63 -5.79 13.26
N VAL A 125 4.23 -7.04 12.99
CA VAL A 125 4.55 -8.14 13.89
C VAL A 125 5.19 -9.32 13.18
N ASN A 126 5.67 -9.13 11.94
CA ASN A 126 6.57 -10.11 11.38
C ASN A 126 7.98 -9.98 11.97
N HIS A 127 8.32 -8.78 12.43
CA HIS A 127 9.68 -8.43 12.85
C HIS A 127 9.58 -7.24 13.78
N THR A 128 10.64 -7.02 14.57
CA THR A 128 10.81 -5.84 15.38
C THR A 128 12.10 -5.13 14.97
N SER A 129 12.33 -3.98 15.55
CA SER A 129 13.66 -3.40 15.54
C SER A 129 14.64 -4.30 16.32
N ASP A 130 15.91 -4.29 15.91
CA ASP A 130 16.99 -4.87 16.72
C ASP A 130 17.27 -4.07 17.98
N GLU A 131 16.63 -2.91 18.15
CA GLU A 131 16.72 -2.13 19.36
C GLU A 131 15.52 -2.35 20.28
N HIS A 132 14.55 -3.16 19.85
CA HIS A 132 13.49 -3.57 20.76
C HIS A 132 14.14 -4.29 21.94
N ALA A 133 13.64 -4.04 23.14
CA ALA A 133 14.19 -4.70 24.32
C ALA A 133 14.21 -6.22 24.16
N TRP A 134 13.21 -6.80 23.51
CA TRP A 134 13.18 -8.25 23.33
C TRP A 134 14.43 -8.73 22.59
N PHE A 135 14.83 -8.00 21.53
CA PHE A 135 15.97 -8.44 20.74
C PHE A 135 17.28 -8.11 21.43
N ALA A 136 17.35 -6.96 22.09
CA ALA A 136 18.54 -6.61 22.84
C ALA A 136 18.82 -7.70 23.86
N GLU A 137 17.78 -8.30 24.46
CA GLU A 137 17.95 -9.44 25.36
C GLU A 137 18.24 -10.72 24.59
N SER A 138 17.44 -11.02 23.55
CA SER A 138 17.58 -12.27 22.82
C SER A 138 19.01 -12.52 22.40
N ARG A 139 19.68 -11.49 21.89
CA ARG A 139 21.00 -11.64 21.30
C ARG A 139 22.09 -11.87 22.36
N LYS A 140 21.81 -11.63 23.65
CA LYS A 140 22.87 -11.68 24.65
C LYS A 140 23.44 -13.07 24.87
N SER A 141 22.60 -14.10 24.85
CA SER A 141 23.04 -15.43 25.22
CA SER A 141 23.02 -15.43 25.26
C SER A 141 21.96 -16.43 24.86
N LYS A 142 22.39 -17.67 24.64
CA LYS A 142 21.43 -18.74 24.38
C LYS A 142 20.48 -18.99 25.55
N ASP A 143 20.90 -18.72 26.78
CA ASP A 143 20.02 -18.96 27.92
C ASP A 143 19.13 -17.77 28.27
N ASN A 144 19.16 -16.70 27.52
CA ASN A 144 18.31 -15.58 27.82
C ASN A 144 16.85 -15.97 27.60
N PRO A 145 15.92 -15.49 28.42
CA PRO A 145 14.51 -15.88 28.23
C PRO A 145 13.91 -15.38 26.93
N TYR A 146 14.53 -14.41 26.27
CA TYR A 146 14.06 -13.91 24.97
C TYR A 146 14.76 -14.55 23.80
N ARG A 147 15.65 -15.51 24.03
CA ARG A 147 16.38 -16.09 22.92
C ARG A 147 15.44 -16.58 21.83
N ASP A 148 14.41 -17.32 22.20
N ASP A 148 14.41 -17.32 22.20
CA ASP A 148 13.52 -17.94 21.23
CA ASP A 148 13.51 -17.95 21.24
C ASP A 148 12.38 -17.02 20.81
C ASP A 148 12.42 -17.00 20.75
N TYR A 149 12.48 -15.72 21.10
CA TYR A 149 11.57 -14.75 20.48
C TYR A 149 11.93 -14.51 19.01
N TYR A 150 13.15 -14.85 18.60
CA TYR A 150 13.67 -14.59 17.26
C TYR A 150 14.17 -15.91 16.70
N LEU A 151 14.72 -15.86 15.47
CA LEU A 151 15.01 -17.06 14.72
C LEU A 151 16.52 -17.16 14.51
N TRP A 152 17.16 -17.94 15.38
CA TRP A 152 18.60 -18.12 15.44
C TRP A 152 18.95 -19.48 14.86
N LYS A 153 20.03 -19.54 14.08
CA LYS A 153 20.50 -20.78 13.50
C LYS A 153 22.03 -20.81 13.43
N ASP A 154 22.58 -22.01 13.50
CA ASP A 154 24.01 -22.16 13.36
C ASP A 154 24.50 -21.83 11.96
N PRO A 155 25.73 -21.33 11.84
CA PRO A 155 26.35 -21.25 10.51
C PRO A 155 26.49 -22.62 9.89
N LYS A 156 26.65 -22.63 8.57
CA LYS A 156 27.12 -23.82 7.89
CA LYS A 156 27.12 -23.83 7.90
C LYS A 156 28.54 -24.16 8.36
N PRO A 157 29.03 -25.36 8.09
CA PRO A 157 30.39 -25.71 8.56
C PRO A 157 31.48 -24.72 8.14
N ASP A 158 31.35 -24.08 6.97
CA ASP A 158 32.33 -23.11 6.49
C ASP A 158 32.11 -21.70 7.02
N GLY A 159 31.16 -21.54 7.97
CA GLY A 159 30.89 -20.26 8.58
C GLY A 159 29.85 -19.44 7.87
N SER A 160 29.40 -19.87 6.69
CA SER A 160 28.45 -19.10 5.89
C SER A 160 27.02 -19.25 6.43
N GLU A 161 26.10 -18.54 5.77
CA GLU A 161 24.76 -18.39 6.27
C GLU A 161 24.01 -19.72 6.23
N PRO A 162 23.01 -19.89 7.09
CA PRO A 162 22.28 -21.17 7.12
C PRO A 162 21.73 -21.62 5.80
N ASN A 163 21.32 -20.71 4.93
CA ASN A 163 20.83 -21.05 3.59
C ASN A 163 21.02 -19.82 2.71
N ASN A 164 20.50 -19.90 1.48
CA ASN A 164 20.72 -18.88 0.47
C ASN A 164 19.60 -17.86 0.39
N TRP A 165 18.80 -17.72 1.43
CA TRP A 165 17.68 -16.81 1.38
C TRP A 165 18.16 -15.36 1.42
N GLY A 166 17.49 -14.51 0.65
CA GLY A 166 17.81 -13.11 0.60
C GLY A 166 16.86 -12.22 1.37
N SER A 167 17.36 -11.04 1.70
CA SER A 167 16.54 -9.96 2.22
C SER A 167 15.84 -9.23 1.08
N ILE A 168 14.60 -8.79 1.30
CA ILE A 168 13.94 -7.83 0.42
C ILE A 168 14.71 -6.57 0.19
N PHE A 169 15.50 -6.14 1.17
CA PHE A 169 16.30 -4.94 1.05
C PHE A 169 17.77 -5.25 0.71
N SER A 170 17.98 -6.29 -0.08
CA SER A 170 19.27 -6.68 -0.68
C SER A 170 20.12 -7.51 0.27
N GLY A 171 21.00 -8.33 -0.30
CA GLY A 171 21.89 -9.14 0.51
C GLY A 171 21.19 -10.34 1.14
N SER A 172 21.89 -10.92 2.11
CA SER A 172 21.41 -12.11 2.81
C SER A 172 20.29 -11.77 3.80
N ALA A 173 19.42 -12.75 4.02
CA ALA A 173 18.41 -12.69 5.08
C ALA A 173 18.97 -13.05 6.44
N TRP A 174 20.26 -13.29 6.56
CA TRP A 174 20.85 -13.69 7.82
C TRP A 174 22.00 -12.77 8.21
N THR A 175 22.09 -12.46 9.50
CA THR A 175 23.19 -11.65 10.03
C THR A 175 23.81 -12.39 11.22
N TYR A 176 25.14 -12.43 11.22
CA TYR A 176 25.87 -13.18 12.24
C TYR A 176 26.02 -12.36 13.52
N ASP A 177 25.84 -13.02 14.66
CA ASP A 177 26.14 -12.44 15.96
C ASP A 177 27.40 -13.11 16.51
N GLU A 178 28.47 -12.35 16.62
CA GLU A 178 29.74 -12.92 17.04
C GLU A 178 29.68 -13.43 18.48
N GLY A 179 28.92 -12.75 19.34
CA GLY A 179 28.91 -13.10 20.76
C GLY A 179 28.34 -14.48 21.02
N THR A 180 27.34 -14.90 20.25
CA THR A 180 26.73 -16.20 20.47
C THR A 180 27.00 -17.20 19.36
N GLY A 181 27.64 -16.79 18.27
CA GLY A 181 28.01 -17.76 17.26
C GLY A 181 26.89 -18.24 16.37
N GLN A 182 25.81 -17.48 16.26
CA GLN A 182 24.69 -17.87 15.43
C GLN A 182 24.25 -16.69 14.58
N TYR A 183 23.55 -17.02 13.49
CA TYR A 183 22.87 -16.04 12.64
C TYR A 183 21.43 -15.86 13.09
N TYR A 184 20.91 -14.64 12.95
CA TYR A 184 19.49 -14.39 13.08
C TYR A 184 18.90 -14.03 11.72
N LEU A 185 17.63 -14.35 11.56
CA LEU A 185 16.90 -14.13 10.33
C LEU A 185 16.27 -12.75 10.29
N HIS A 186 16.33 -12.12 9.12
CA HIS A 186 15.61 -10.87 8.84
C HIS A 186 15.23 -10.86 7.37
N TYR A 187 13.94 -10.91 7.09
CA TYR A 187 13.48 -10.77 5.73
C TYR A 187 13.74 -9.35 5.20
N PHE A 188 13.70 -8.35 6.08
CA PHE A 188 13.90 -6.94 5.73
C PHE A 188 15.29 -6.53 6.16
N SER A 189 15.49 -5.36 6.77
CA SER A 189 16.88 -4.96 7.06
CA SER A 189 16.88 -4.96 7.04
C SER A 189 17.46 -5.77 8.22
N LYS A 190 18.79 -5.71 8.35
CA LYS A 190 19.44 -6.35 9.50
C LYS A 190 18.98 -5.75 10.82
N LYS A 191 18.38 -4.55 10.80
CA LYS A 191 17.81 -3.92 11.97
C LYS A 191 16.32 -4.25 12.14
N GLN A 192 15.84 -5.27 11.42
CA GLN A 192 14.46 -5.77 11.49
C GLN A 192 14.46 -7.30 11.68
N PRO A 193 14.99 -7.81 12.80
CA PRO A 193 14.95 -9.27 13.05
C PRO A 193 13.53 -9.81 13.09
N ASP A 194 13.31 -10.95 12.42
CA ASP A 194 12.00 -11.58 12.37
C ASP A 194 11.66 -12.27 13.68
N LEU A 195 10.42 -12.10 14.09
CA LEU A 195 9.88 -12.78 15.27
C LEU A 195 9.64 -14.27 15.00
N ASN A 196 9.69 -15.06 16.07
CA ASN A 196 9.46 -16.51 16.01
C ASN A 196 8.03 -16.83 16.43
N TRP A 197 7.12 -16.89 15.44
CA TRP A 197 5.73 -17.20 15.72
C TRP A 197 5.51 -18.64 16.18
N GLU A 198 6.51 -19.51 16.04
CA GLU A 198 6.40 -20.86 16.62
C GLU A 198 6.37 -20.82 18.13
N ASN A 199 6.82 -19.73 18.73
CA ASN A 199 6.87 -19.60 20.19
C ASN A 199 5.55 -19.01 20.65
N GLU A 200 4.81 -19.77 21.44
CA GLU A 200 3.52 -19.28 21.92
C GLU A 200 3.65 -17.97 22.70
N ALA A 201 4.78 -17.75 23.37
CA ALA A 201 4.93 -16.51 24.10
C ALA A 201 4.98 -15.31 23.17
N VAL A 202 5.55 -15.46 21.97
CA VAL A 202 5.58 -14.37 21.00
C VAL A 202 4.16 -14.06 20.54
N ARG A 203 3.38 -15.10 20.22
CA ARG A 203 2.01 -14.85 19.80
C ARG A 203 1.22 -14.15 20.89
N ARG A 204 1.41 -14.56 22.16
CA ARG A 204 0.72 -13.89 23.25
C ARG A 204 1.15 -12.44 23.38
N GLU A 205 2.44 -12.15 23.19
CA GLU A 205 2.88 -10.75 23.24
C GLU A 205 2.17 -9.92 22.18
N VAL A 206 2.04 -10.49 20.98
CA VAL A 206 1.37 -9.79 19.88
C VAL A 206 -0.09 -9.54 20.24
N TYR A 207 -0.79 -10.56 20.76
CA TYR A 207 -2.19 -10.37 21.07
C TYR A 207 -2.37 -9.32 22.16
N ASP A 208 -1.45 -9.29 23.14
N ASP A 208 -1.45 -9.30 23.14
CA ASP A 208 -1.52 -8.28 24.17
CA ASP A 208 -1.50 -8.28 24.18
C ASP A 208 -1.35 -6.87 23.61
C ASP A 208 -1.35 -6.87 23.61
N VAL A 209 -0.44 -6.69 22.65
CA VAL A 209 -0.31 -5.39 22.00
C VAL A 209 -1.62 -4.99 21.33
N MET A 210 -2.21 -5.93 20.58
CA MET A 210 -3.45 -5.63 19.83
C MET A 210 -4.55 -5.22 20.82
N ARG A 211 -4.72 -5.97 21.92
CA ARG A 211 -5.77 -5.61 22.88
C ARG A 211 -5.50 -4.29 23.55
N PHE A 212 -4.23 -3.99 23.87
CA PHE A 212 -3.90 -2.70 24.49
C PHE A 212 -4.46 -1.55 23.67
N TRP A 213 -4.24 -1.59 22.35
CA TRP A 213 -4.67 -0.50 21.49
C TRP A 213 -6.16 -0.55 21.17
N MET A 214 -6.73 -1.76 20.96
CA MET A 214 -8.14 -1.84 20.67
CA MET A 214 -8.15 -1.86 20.68
C MET A 214 -8.98 -1.46 21.88
N ASP A 215 -8.51 -1.78 23.08
CA ASP A 215 -9.23 -1.37 24.27
C ASP A 215 -9.24 0.14 24.44
N ARG A 216 -8.29 0.84 23.81
CA ARG A 216 -8.18 2.28 23.82
C ARG A 216 -8.74 2.92 22.56
N GLY A 217 -9.52 2.17 21.79
CA GLY A 217 -10.33 2.74 20.75
C GLY A 217 -9.85 2.56 19.33
N VAL A 218 -8.73 1.87 19.10
CA VAL A 218 -8.28 1.60 17.73
C VAL A 218 -9.27 0.65 17.08
N ASP A 219 -9.73 1.02 15.87
CA ASP A 219 -10.83 0.33 15.20
C ASP A 219 -10.39 -0.79 14.28
N GLY A 220 -9.08 -1.02 14.13
CA GLY A 220 -8.63 -2.08 13.28
C GLY A 220 -7.17 -1.96 12.96
N TRP A 221 -6.72 -2.89 12.13
CA TRP A 221 -5.31 -3.04 11.84
C TRP A 221 -5.07 -3.28 10.36
N ARG A 222 -4.02 -2.65 9.89
CA ARG A 222 -3.38 -2.99 8.62
C ARG A 222 -2.14 -3.80 9.00
N MET A 223 -2.09 -5.05 8.55
CA MET A 223 -1.10 -5.99 9.05
CA MET A 223 -1.13 -6.04 9.04
C MET A 223 0.05 -6.14 8.07
N ASP A 224 1.16 -5.54 8.43
CA ASP A 224 2.37 -5.48 7.62
C ASP A 224 2.93 -6.87 7.34
N VAL A 225 3.27 -7.13 6.07
CA VAL A 225 3.75 -8.42 5.59
C VAL A 225 3.19 -9.59 6.39
N ILE A 226 1.87 -9.63 6.48
CA ILE A 226 1.24 -10.72 7.22
C ILE A 226 1.53 -12.05 6.56
N GLY A 227 1.81 -12.05 5.26
CA GLY A 227 2.12 -13.27 4.57
C GLY A 227 3.40 -13.93 5.02
N SER A 228 4.26 -13.24 5.77
CA SER A 228 5.55 -13.78 6.16
C SER A 228 5.63 -14.39 7.55
N ILE A 229 4.57 -14.32 8.37
CA ILE A 229 4.75 -14.64 9.79
C ILE A 229 5.06 -16.11 10.05
N SER A 230 4.64 -17.01 9.18
CA SER A 230 4.98 -18.43 9.29
C SER A 230 6.15 -18.79 8.39
N LYS A 231 7.18 -19.37 8.99
CA LYS A 231 8.38 -19.81 8.32
C LYS A 231 8.33 -21.30 8.03
N TYR A 232 9.01 -21.69 6.96
CA TYR A 232 9.38 -23.08 6.71
C TYR A 232 10.56 -23.37 7.63
N THR A 233 10.31 -24.03 8.75
CA THR A 233 11.28 -24.11 9.82
C THR A 233 12.40 -25.11 9.56
N ASP A 234 12.33 -25.86 8.45
CA ASP A 234 13.50 -26.57 7.98
C ASP A 234 14.46 -25.67 7.22
N PHE A 235 14.06 -24.44 6.94
CA PHE A 235 14.89 -23.46 6.24
C PHE A 235 15.58 -24.04 5.01
N PRO A 236 14.84 -24.65 4.09
CA PRO A 236 15.44 -25.23 2.89
C PRO A 236 16.04 -24.17 1.98
N ASP A 237 17.15 -24.51 1.35
CA ASP A 237 17.69 -23.66 0.30
C ASP A 237 16.74 -23.59 -0.88
N TYR A 238 16.73 -22.45 -1.56
CA TYR A 238 16.12 -22.37 -2.86
C TYR A 238 16.99 -23.07 -3.90
N GLU A 239 16.39 -23.53 -4.98
CA GLU A 239 17.14 -23.87 -6.18
C GLU A 239 17.58 -22.58 -6.90
N THR A 240 18.75 -22.63 -7.56
CA THR A 240 19.30 -21.46 -8.24
C THR A 240 19.83 -21.80 -9.63
N ASP A 241 19.67 -20.83 -10.55
CA ASP A 241 20.31 -20.88 -11.86
C ASP A 241 21.54 -19.98 -11.93
N HIS A 242 22.03 -19.51 -10.79
N HIS A 242 22.03 -19.51 -10.79
CA HIS A 242 23.29 -18.78 -10.69
CA HIS A 242 23.29 -18.78 -10.69
C HIS A 242 23.21 -17.36 -11.23
C HIS A 242 23.21 -17.36 -11.23
N SER A 243 22.01 -16.78 -11.32
CA SER A 243 21.89 -15.37 -11.66
C SER A 243 22.11 -14.48 -10.44
N ARG A 244 22.11 -15.06 -9.24
CA ARG A 244 22.20 -14.28 -8.01
C ARG A 244 22.65 -15.19 -6.87
N SER A 245 23.20 -14.57 -5.84
CA SER A 245 23.70 -15.30 -4.68
C SER A 245 22.63 -15.53 -3.63
N TYR A 246 21.73 -14.59 -3.48
CA TYR A 246 20.68 -14.67 -2.47
C TYR A 246 19.33 -14.57 -3.16
N ILE A 247 18.37 -15.36 -2.71
CA ILE A 247 17.12 -15.56 -3.44
C ILE A 247 15.93 -15.21 -2.55
N VAL A 248 15.00 -14.43 -3.10
CA VAL A 248 13.71 -14.16 -2.50
C VAL A 248 12.68 -14.89 -3.34
N GLY A 249 11.85 -15.71 -2.72
CA GLY A 249 10.91 -16.53 -3.45
C GLY A 249 9.78 -17.07 -2.59
N ARG A 250 9.31 -18.26 -2.96
CA ARG A 250 8.07 -18.78 -2.41
C ARG A 250 8.15 -19.15 -0.93
N TYR A 251 9.34 -19.40 -0.37
CA TYR A 251 9.40 -19.70 1.07
C TYR A 251 9.20 -18.46 1.92
N HIS A 252 9.34 -17.26 1.34
CA HIS A 252 9.25 -16.02 2.07
C HIS A 252 7.82 -15.59 2.36
N SER A 253 6.82 -16.37 1.96
CA SER A 253 5.43 -16.09 2.29
C SER A 253 4.65 -17.39 2.26
N ASN A 254 3.44 -17.33 2.78
CA ASN A 254 2.50 -18.45 2.68
C ASN A 254 3.05 -19.71 3.33
N GLY A 255 3.59 -19.55 4.53
CA GLY A 255 4.18 -20.65 5.28
C GLY A 255 3.13 -21.63 5.77
N PRO A 256 3.61 -22.76 6.27
CA PRO A 256 2.69 -23.88 6.56
CA PRO A 256 2.70 -23.89 6.57
C PRO A 256 1.74 -23.62 7.70
N ARG A 257 2.02 -22.66 8.58
CA ARG A 257 1.17 -22.33 9.71
C ARG A 257 0.52 -20.96 9.58
N LEU A 258 0.65 -20.32 8.41
CA LEU A 258 0.15 -18.95 8.26
C LEU A 258 -1.31 -18.82 8.66
N HIS A 259 -2.17 -19.61 8.03
CA HIS A 259 -3.60 -19.46 8.26
C HIS A 259 -4.01 -19.96 9.63
N GLU A 260 -3.30 -20.96 10.17
CA GLU A 260 -3.49 -21.35 11.56
C GLU A 260 -3.28 -20.15 12.49
N PHE A 261 -2.16 -19.44 12.29
CA PHE A 261 -1.85 -18.31 13.16
C PHE A 261 -2.90 -17.22 13.04
N ILE A 262 -3.32 -16.88 11.80
CA ILE A 262 -4.32 -15.83 11.64
C ILE A 262 -5.65 -16.25 12.26
N GLN A 263 -6.03 -17.52 12.09
CA GLN A 263 -7.25 -18.01 12.73
C GLN A 263 -7.16 -17.89 14.25
N GLU A 264 -5.99 -18.19 14.82
CA GLU A 264 -5.78 -18.02 16.26
C GLU A 264 -5.92 -16.56 16.67
N MET A 265 -5.30 -15.67 15.90
CA MET A 265 -5.39 -14.25 16.19
C MET A 265 -6.86 -13.78 16.17
N ASN A 266 -7.65 -14.30 15.23
CA ASN A 266 -9.07 -13.95 15.18
C ASN A 266 -9.80 -14.47 16.43
N ARG A 267 -9.55 -15.72 16.81
CA ARG A 267 -10.22 -16.25 18.01
C ARG A 267 -9.84 -15.46 19.25
N GLU A 268 -8.55 -15.15 19.39
CA GLU A 268 -8.06 -14.58 20.63
C GLU A 268 -8.26 -13.09 20.73
N VAL A 269 -8.36 -12.39 19.59
CA VAL A 269 -8.40 -10.93 19.58
C VAL A 269 -9.52 -10.40 18.71
N LEU A 270 -9.45 -10.63 17.39
CA LEU A 270 -10.30 -9.87 16.47
C LEU A 270 -11.78 -10.10 16.71
N SER A 271 -12.16 -11.33 17.07
CA SER A 271 -13.57 -11.67 17.31
C SER A 271 -14.16 -10.96 18.51
N HIS A 272 -13.36 -10.27 19.32
CA HIS A 272 -13.86 -9.63 20.52
C HIS A 272 -14.11 -8.15 20.35
N TYR A 273 -13.90 -7.62 19.14
CA TYR A 273 -14.03 -6.21 18.87
C TYR A 273 -14.76 -6.00 17.55
N ASP A 274 -15.45 -4.87 17.46
CA ASP A 274 -16.03 -4.40 16.20
C ASP A 274 -14.88 -3.72 15.46
N CYS A 275 -14.24 -4.46 14.56
CA CYS A 275 -13.00 -3.99 13.96
C CYS A 275 -12.96 -4.30 12.48
N MET A 276 -11.99 -3.67 11.82
CA MET A 276 -11.61 -3.92 10.43
C MET A 276 -10.19 -4.40 10.37
N THR A 277 -9.94 -5.39 9.53
CA THR A 277 -8.58 -5.84 9.28
C THR A 277 -8.28 -5.89 7.79
N VAL A 278 -7.10 -5.40 7.44
CA VAL A 278 -6.56 -5.49 6.08
C VAL A 278 -5.14 -6.00 6.18
N GLY A 279 -4.85 -7.14 5.55
CA GLY A 279 -3.51 -7.67 5.54
C GLY A 279 -2.71 -7.20 4.35
N GLU A 280 -1.45 -6.83 4.59
CA GLU A 280 -0.50 -6.61 3.48
C GLU A 280 0.01 -8.00 3.12
N ALA A 281 -0.63 -8.62 2.12
CA ALA A 281 -0.43 -10.03 1.81
C ALA A 281 0.60 -10.20 0.70
N ASN A 282 1.84 -10.04 1.10
CA ASN A 282 2.94 -10.33 0.21
C ASN A 282 2.84 -11.78 -0.23
N GLY A 283 3.13 -12.03 -1.51
CA GLY A 283 3.04 -13.34 -2.05
C GLY A 283 1.63 -13.83 -2.33
N SER A 284 0.62 -12.98 -2.27
CA SER A 284 -0.75 -13.44 -2.47
C SER A 284 -1.13 -13.52 -3.95
N ASP A 285 -1.80 -14.63 -4.29
CA ASP A 285 -2.56 -14.79 -5.52
C ASP A 285 -4.03 -14.93 -5.13
N ILE A 286 -4.90 -15.11 -6.12
CA ILE A 286 -6.33 -15.06 -5.85
CA ILE A 286 -6.33 -15.05 -5.83
C ILE A 286 -6.76 -16.18 -4.92
N GLU A 287 -6.16 -17.36 -5.03
CA GLU A 287 -6.56 -18.44 -4.12
C GLU A 287 -6.11 -18.13 -2.69
N GLU A 288 -4.90 -17.59 -2.53
CA GLU A 288 -4.51 -17.21 -1.17
C GLU A 288 -5.45 -16.16 -0.60
N ALA A 289 -5.89 -15.23 -1.44
CA ALA A 289 -6.80 -14.19 -0.99
C ALA A 289 -8.09 -14.78 -0.43
N LYS A 290 -8.58 -15.85 -1.06
CA LYS A 290 -9.77 -16.50 -0.52
C LYS A 290 -9.51 -17.08 0.85
N LYS A 291 -8.33 -17.65 1.07
CA LYS A 291 -8.00 -18.17 2.41
C LYS A 291 -8.01 -17.05 3.45
N TYR A 292 -7.46 -15.89 3.12
CA TYR A 292 -7.43 -14.80 4.08
C TYR A 292 -8.81 -14.19 4.32
N THR A 293 -9.66 -14.10 3.29
CA THR A 293 -10.79 -13.18 3.33
C THR A 293 -12.16 -13.83 3.30
N ASP A 294 -12.27 -15.11 3.00
CA ASP A 294 -13.56 -15.78 3.10
C ASP A 294 -14.06 -15.65 4.53
N ALA A 295 -15.24 -15.06 4.69
CA ALA A 295 -15.73 -14.80 6.05
C ALA A 295 -15.87 -16.08 6.85
N SER A 296 -16.16 -17.19 6.18
CA SER A 296 -16.37 -18.43 6.92
C SER A 296 -15.09 -18.96 7.53
N ARG A 297 -13.94 -18.48 7.10
CA ARG A 297 -12.67 -18.92 7.65
C ARG A 297 -12.24 -18.14 8.88
N GLN A 298 -12.90 -17.02 9.20
CA GLN A 298 -12.63 -16.26 10.42
C GLN A 298 -11.15 -15.89 10.51
N GLU A 299 -10.70 -15.18 9.46
CA GLU A 299 -9.32 -14.69 9.36
C GLU A 299 -9.40 -13.18 9.28
N LEU A 300 -9.19 -12.58 8.11
CA LEU A 300 -9.15 -11.14 7.89
C LEU A 300 -10.34 -10.70 7.06
N ASN A 301 -10.60 -9.39 7.04
CA ASN A 301 -11.69 -8.89 6.19
C ASN A 301 -11.27 -8.74 4.72
N MET A 302 -10.03 -8.38 4.45
CA MET A 302 -9.52 -7.99 3.12
C MET A 302 -8.03 -8.00 3.17
N ILE A 303 -7.43 -8.09 1.97
CA ILE A 303 -5.99 -7.98 1.86
CA ILE A 303 -5.99 -8.00 1.85
C ILE A 303 -5.61 -7.06 0.72
N PHE A 304 -4.40 -6.46 0.84
CA PHE A 304 -3.69 -5.88 -0.27
C PHE A 304 -2.91 -6.99 -0.95
N THR A 305 -3.06 -7.09 -2.27
CA THR A 305 -2.17 -7.89 -3.09
C THR A 305 -1.19 -6.98 -3.79
N PHE A 306 -0.13 -7.58 -4.32
CA PHE A 306 0.85 -6.86 -5.14
C PHE A 306 0.70 -7.18 -6.61
N GLU A 307 -0.22 -8.07 -7.00
CA GLU A 307 -0.21 -8.56 -8.39
C GLU A 307 -0.43 -7.43 -9.40
N HIS A 308 -1.32 -6.48 -9.10
CA HIS A 308 -1.52 -5.38 -10.04
C HIS A 308 -0.37 -4.38 -10.04
N MET A 309 0.39 -4.30 -8.94
CA MET A 309 1.59 -3.48 -8.86
C MET A 309 2.80 -4.16 -9.49
N ASP A 310 2.71 -5.44 -9.81
CA ASP A 310 3.80 -6.22 -10.34
C ASP A 310 3.80 -6.27 -11.86
N ILE A 311 2.80 -5.70 -12.52
CA ILE A 311 2.67 -5.82 -13.95
C ILE A 311 3.78 -5.13 -14.70
N ASP A 312 4.50 -4.20 -14.07
CA ASP A 312 5.53 -3.43 -14.75
C ASP A 312 6.93 -3.74 -14.24
N LYS A 313 7.14 -4.98 -13.84
CA LYS A 313 8.47 -5.54 -13.70
C LYS A 313 8.53 -6.86 -14.44
N GLU A 314 9.75 -7.26 -14.80
CA GLU A 314 9.96 -8.61 -15.28
C GLU A 314 9.61 -9.61 -14.17
N GLN A 315 9.29 -10.84 -14.57
CA GLN A 315 8.80 -11.82 -13.59
C GLN A 315 9.80 -12.09 -12.48
N ASN A 316 11.08 -12.28 -12.82
CA ASN A 316 12.06 -12.67 -11.82
C ASN A 316 13.50 -12.32 -12.22
N SER A 317 13.74 -11.06 -12.51
CA SER A 317 15.11 -10.60 -12.76
C SER A 317 15.88 -10.50 -11.44
N PRO A 318 17.21 -10.64 -11.47
CA PRO A 318 18.01 -10.31 -10.28
CA PRO A 318 18.00 -10.31 -10.28
C PRO A 318 17.78 -8.89 -9.80
N ASN A 319 17.36 -7.98 -10.69
CA ASN A 319 17.13 -6.60 -10.31
C ASN A 319 15.73 -6.35 -9.76
N GLY A 320 14.91 -7.39 -9.68
CA GLY A 320 13.63 -7.29 -8.99
C GLY A 320 12.72 -6.24 -9.61
N LYS A 321 12.14 -5.42 -8.73
CA LYS A 321 11.19 -4.44 -9.23
CA LYS A 321 11.22 -4.36 -9.09
C LYS A 321 11.87 -3.34 -10.02
N TRP A 322 13.20 -3.24 -9.96
CA TRP A 322 13.94 -2.24 -10.71
C TRP A 322 14.14 -2.63 -12.16
N GLN A 323 13.78 -3.86 -12.54
CA GLN A 323 13.79 -4.31 -13.94
C GLN A 323 12.42 -3.94 -14.54
N ILE A 324 12.35 -2.70 -15.02
CA ILE A 324 11.11 -2.03 -15.41
CA ILE A 324 11.10 -2.06 -15.40
C ILE A 324 10.60 -2.57 -16.74
N LYS A 325 9.28 -2.66 -16.85
CA LYS A 325 8.58 -2.80 -18.11
CA LYS A 325 8.60 -2.79 -18.11
C LYS A 325 7.62 -1.64 -18.29
N PRO A 326 7.31 -1.27 -19.53
CA PRO A 326 6.30 -0.22 -19.74
C PRO A 326 4.93 -0.64 -19.24
N PHE A 327 4.12 0.36 -18.92
CA PHE A 327 2.72 0.12 -18.58
C PHE A 327 2.06 -0.66 -19.71
N ASP A 328 1.30 -1.69 -19.35
CA ASP A 328 0.59 -2.56 -20.29
C ASP A 328 -0.85 -2.62 -19.79
N LEU A 329 -1.75 -1.87 -20.45
CA LEU A 329 -3.14 -1.84 -20.00
C LEU A 329 -3.76 -3.23 -20.03
N ILE A 330 -3.44 -4.05 -21.02
CA ILE A 330 -4.04 -5.39 -21.08
C ILE A 330 -3.66 -6.19 -19.84
N ALA A 331 -2.40 -6.08 -19.41
CA ALA A 331 -1.98 -6.78 -18.20
C ALA A 331 -2.74 -6.27 -16.99
N LEU A 332 -2.94 -4.94 -16.89
CA LEU A 332 -3.71 -4.40 -15.77
C LEU A 332 -5.14 -4.93 -15.79
N LYS A 333 -5.77 -4.89 -16.97
CA LYS A 333 -7.16 -5.38 -17.07
CA LYS A 333 -7.16 -5.38 -17.09
C LYS A 333 -7.25 -6.84 -16.69
N LYS A 334 -6.31 -7.67 -17.15
N LYS A 334 -6.33 -7.68 -17.16
CA LYS A 334 -6.36 -9.09 -16.87
CA LYS A 334 -6.37 -9.10 -16.85
C LYS A 334 -6.21 -9.34 -15.38
C LYS A 334 -6.24 -9.31 -15.36
N THR A 335 -5.28 -8.63 -14.74
CA THR A 335 -5.02 -8.86 -13.33
C THR A 335 -6.16 -8.36 -12.47
N MET A 336 -6.62 -7.14 -12.71
N MET A 336 -6.59 -7.12 -12.69
CA MET A 336 -7.69 -6.61 -11.87
CA MET A 336 -7.69 -6.57 -11.91
C MET A 336 -8.97 -7.39 -12.08
C MET A 336 -8.94 -7.45 -12.06
N THR A 337 -9.22 -7.88 -13.29
CA THR A 337 -10.41 -8.69 -13.55
C THR A 337 -10.34 -10.03 -12.83
N ARG A 338 -9.15 -10.65 -12.80
CA ARG A 338 -8.99 -11.92 -12.09
C ARG A 338 -9.35 -11.75 -10.62
N TRP A 339 -8.97 -10.62 -10.03
CA TRP A 339 -9.27 -10.33 -8.64
C TRP A 339 -10.75 -9.98 -8.43
N GLN A 340 -11.33 -9.22 -9.35
CA GLN A 340 -12.74 -8.88 -9.23
C GLN A 340 -13.61 -10.12 -9.35
N THR A 341 -13.31 -11.00 -10.28
CA THR A 341 -14.13 -12.20 -10.42
C THR A 341 -13.81 -13.23 -9.34
N GLY A 342 -12.55 -13.32 -8.92
CA GLY A 342 -12.19 -14.33 -7.94
C GLY A 342 -12.83 -14.08 -6.58
N LEU A 343 -12.96 -12.83 -6.19
CA LEU A 343 -13.57 -12.44 -4.92
C LEU A 343 -14.94 -11.79 -5.12
N MET A 344 -15.64 -12.20 -6.18
CA MET A 344 -16.91 -11.55 -6.47
C MET A 344 -17.99 -12.02 -5.53
N ASN A 345 -17.98 -13.29 -5.16
CA ASN A 345 -19.02 -13.88 -4.33
C ASN A 345 -18.54 -14.46 -3.03
N VAL A 346 -17.26 -14.34 -2.73
CA VAL A 346 -16.66 -14.75 -1.48
C VAL A 346 -15.51 -13.79 -1.22
N GLY A 347 -15.23 -13.53 0.05
CA GLY A 347 -14.15 -12.62 0.36
C GLY A 347 -14.48 -11.18 0.00
N TRP A 348 -13.44 -10.37 -0.13
CA TRP A 348 -13.62 -8.93 -0.32
C TRP A 348 -12.30 -8.39 -0.84
N ASN A 349 -12.36 -7.44 -1.77
CA ASN A 349 -11.18 -6.81 -2.35
C ASN A 349 -10.83 -5.51 -1.68
N THR A 350 -9.53 -5.21 -1.67
CA THR A 350 -9.09 -3.82 -1.52
C THR A 350 -8.84 -3.24 -2.91
N LEU A 351 -8.93 -1.91 -3.01
CA LEU A 351 -8.75 -1.19 -4.25
C LEU A 351 -7.74 -0.08 -4.00
N TYR A 352 -6.53 -0.22 -4.56
CA TYR A 352 -5.52 0.82 -4.41
C TYR A 352 -4.61 0.83 -5.61
N PHE A 353 -4.14 2.04 -5.94
CA PHE A 353 -3.02 2.24 -6.86
C PHE A 353 -1.83 2.94 -6.19
N GLU A 354 -2.01 3.53 -5.00
CA GLU A 354 -0.95 4.26 -4.32
C GLU A 354 -0.93 3.90 -2.84
N ASN A 355 0.27 4.02 -2.26
CA ASN A 355 0.57 3.88 -0.82
C ASN A 355 1.97 4.40 -0.63
N HIS A 356 2.49 4.25 0.57
CA HIS A 356 3.80 4.77 0.92
C HIS A 356 4.95 3.96 0.33
N ASP A 357 4.65 2.89 -0.39
CA ASP A 357 5.61 2.03 -1.02
C ASP A 357 5.56 2.08 -2.54
N GLN A 358 4.68 2.87 -3.12
CA GLN A 358 4.46 2.90 -4.55
C GLN A 358 4.67 4.33 -5.05
N PRO A 359 5.12 4.48 -6.30
CA PRO A 359 5.17 5.83 -6.89
C PRO A 359 3.76 6.36 -7.13
N ARG A 360 3.72 7.63 -7.55
CA ARG A 360 2.44 8.24 -7.92
C ARG A 360 1.99 7.63 -9.25
N VAL A 361 0.76 7.13 -9.30
CA VAL A 361 0.34 6.30 -10.43
C VAL A 361 0.30 7.09 -11.73
N ILE A 362 -0.07 8.37 -11.65
CA ILE A 362 -0.11 9.20 -12.86
C ILE A 362 1.25 9.40 -13.47
N SER A 363 2.30 9.49 -12.65
CA SER A 363 3.66 9.59 -13.15
C SER A 363 4.16 8.25 -13.65
N ARG A 364 3.82 7.19 -12.93
CA ARG A 364 4.31 5.85 -13.24
C ARG A 364 3.75 5.34 -14.57
N TRP A 365 2.44 5.48 -14.77
CA TRP A 365 1.69 4.82 -15.83
C TRP A 365 0.93 5.77 -16.72
N GLY A 366 0.93 7.06 -16.45
CA GLY A 366 0.08 7.99 -17.18
C GLY A 366 0.81 9.25 -17.61
N ASN A 367 0.04 10.32 -17.67
CA ASN A 367 0.50 11.66 -18.03
C ASN A 367 0.39 12.52 -16.81
N ASP A 368 1.50 13.13 -16.40
CA ASP A 368 1.54 14.00 -15.23
C ASP A 368 1.84 15.45 -15.57
N ARG A 369 1.58 15.83 -16.83
CA ARG A 369 1.83 17.18 -17.32
C ARG A 369 0.52 17.75 -17.86
N LYS A 370 0.38 17.91 -19.19
CA LYS A 370 -0.77 18.64 -19.71
CA LYS A 370 -0.77 18.64 -19.70
C LYS A 370 -2.10 17.93 -19.45
N LEU A 371 -2.08 16.59 -19.37
CA LEU A 371 -3.28 15.80 -19.11
C LEU A 371 -3.30 15.27 -17.68
N ARG A 372 -2.57 15.90 -16.76
CA ARG A 372 -2.51 15.38 -15.40
C ARG A 372 -3.89 15.25 -14.77
N LYS A 373 -4.73 16.29 -14.87
CA LYS A 373 -6.04 16.21 -14.22
C LYS A 373 -6.89 15.10 -14.82
N GLU A 374 -6.95 15.04 -16.14
CA GLU A 374 -7.77 14.01 -16.78
C GLU A 374 -7.26 12.63 -16.40
N CYS A 375 -5.94 12.45 -16.42
CA CYS A 375 -5.33 11.17 -16.14
C CYS A 375 -5.56 10.75 -14.69
N ALA A 376 -5.39 11.67 -13.74
CA ALA A 376 -5.63 11.34 -12.34
C ALA A 376 -7.07 10.92 -12.14
N LYS A 377 -8.00 11.67 -12.73
CA LYS A 377 -9.42 11.35 -12.62
C LYS A 377 -9.73 10.01 -13.31
N ALA A 378 -9.05 9.69 -14.41
CA ALA A 378 -9.26 8.43 -15.12
C ALA A 378 -8.86 7.23 -14.27
N PHE A 379 -7.66 7.26 -13.70
CA PHE A 379 -7.25 6.16 -12.82
C PHE A 379 -8.20 6.04 -11.63
N ALA A 380 -8.62 7.17 -11.06
CA ALA A 380 -9.55 7.11 -9.93
C ALA A 380 -10.87 6.45 -10.32
N THR A 381 -11.36 6.75 -11.52
CA THR A 381 -12.65 6.20 -11.95
C THR A 381 -12.55 4.70 -12.16
N VAL A 382 -11.48 4.24 -12.80
CA VAL A 382 -11.35 2.81 -13.00
CA VAL A 382 -11.28 2.80 -12.99
C VAL A 382 -11.33 2.10 -11.66
N LEU A 383 -10.63 2.65 -10.67
CA LEU A 383 -10.49 2.00 -9.38
C LEU A 383 -11.79 2.04 -8.57
N HIS A 384 -12.37 3.23 -8.43
CA HIS A 384 -13.54 3.44 -7.57
C HIS A 384 -14.81 2.87 -8.13
N GLY A 385 -14.85 2.53 -9.41
CA GLY A 385 -16.01 1.84 -9.95
C GLY A 385 -16.06 0.36 -9.68
N MET A 386 -15.02 -0.21 -9.08
CA MET A 386 -14.91 -1.62 -8.81
C MET A 386 -15.50 -2.02 -7.46
N LYS A 387 -15.69 -3.33 -7.28
CA LYS A 387 -16.13 -3.90 -6.01
C LYS A 387 -14.97 -4.01 -5.04
N GLY A 388 -15.15 -3.47 -3.85
CA GLY A 388 -14.15 -3.55 -2.83
C GLY A 388 -14.10 -2.28 -2.03
N THR A 389 -13.11 -2.17 -1.13
CA THR A 389 -12.92 -0.99 -0.30
C THR A 389 -11.81 -0.15 -0.92
N PRO A 390 -12.10 1.07 -1.37
CA PRO A 390 -11.05 1.93 -1.92
C PRO A 390 -10.17 2.53 -0.84
N PHE A 391 -8.90 2.66 -1.20
CA PHE A 391 -7.86 3.31 -0.40
C PHE A 391 -7.34 4.50 -1.21
N ILE A 392 -7.33 5.68 -0.57
CA ILE A 392 -6.77 6.91 -1.14
C ILE A 392 -5.51 7.21 -0.35
N TYR A 393 -4.36 7.27 -1.01
CA TYR A 393 -3.12 7.61 -0.33
C TYR A 393 -2.97 9.12 -0.29
N GLN A 394 -2.48 9.67 0.81
CA GLN A 394 -2.38 11.13 0.94
C GLN A 394 -1.76 11.75 -0.30
N GLY A 395 -2.46 12.75 -0.83
CA GLY A 395 -2.01 13.47 -1.98
C GLY A 395 -2.46 12.92 -3.32
N GLU A 396 -2.90 11.67 -3.36
CA GLU A 396 -3.50 11.11 -4.56
C GLU A 396 -4.68 11.96 -5.02
N GLU A 397 -5.45 12.46 -4.07
CA GLU A 397 -6.67 13.20 -4.34
C GLU A 397 -6.41 14.60 -4.91
N ILE A 398 -5.16 15.09 -4.88
CA ILE A 398 -4.80 16.35 -5.54
C ILE A 398 -3.87 16.11 -6.73
N GLY A 399 -3.64 14.85 -7.10
CA GLY A 399 -2.74 14.58 -8.20
C GLY A 399 -1.29 14.88 -7.93
N MET A 400 -0.80 14.53 -6.73
CA MET A 400 0.61 14.59 -6.50
C MET A 400 1.37 13.67 -7.46
N VAL A 401 2.62 14.02 -7.74
CA VAL A 401 3.41 13.43 -8.83
C VAL A 401 4.79 12.99 -8.31
N ASN A 402 5.47 12.20 -9.12
CA ASN A 402 6.83 11.81 -8.78
C ASN A 402 7.75 13.06 -8.75
N SER A 403 8.84 12.93 -8.04
CA SER A 403 9.82 13.99 -7.87
C SER A 403 10.98 13.89 -8.86
N ASP A 404 11.51 15.05 -9.26
CA ASP A 404 12.71 15.13 -10.07
C ASP A 404 13.99 15.22 -9.26
N MET A 405 13.94 14.99 -7.96
CA MET A 405 15.13 15.20 -7.13
C MET A 405 16.25 14.23 -7.51
N PRO A 406 17.49 14.66 -7.39
CA PRO A 406 18.60 13.77 -7.74
C PRO A 406 18.70 12.63 -6.74
N LEU A 407 19.42 11.58 -7.15
CA LEU A 407 19.52 10.37 -6.35
C LEU A 407 20.05 10.64 -4.94
N GLU A 408 20.99 11.58 -4.80
CA GLU A 408 21.57 11.86 -3.50
C GLU A 408 20.58 12.42 -2.49
N MET A 409 19.40 12.88 -2.94
CA MET A 409 18.38 13.41 -2.05
C MET A 409 17.43 12.34 -1.53
N TYR A 410 17.45 11.14 -2.11
CA TYR A 410 16.56 10.10 -1.63
C TYR A 410 17.00 9.66 -0.25
N ASP A 411 16.04 9.20 0.53
CA ASP A 411 16.23 8.70 1.89
C ASP A 411 16.18 7.18 2.01
N ASP A 412 15.34 6.54 1.23
CA ASP A 412 14.94 5.16 1.50
C ASP A 412 16.10 4.18 1.51
N LEU A 413 16.22 3.42 2.59
CA LEU A 413 17.21 2.34 2.69
CA LEU A 413 17.25 2.38 2.66
C LEU A 413 17.11 1.37 1.53
N GLU A 414 15.89 1.12 1.03
CA GLU A 414 15.73 0.18 -0.07
C GLU A 414 16.57 0.61 -1.28
N ILE A 415 16.56 1.91 -1.57
CA ILE A 415 17.31 2.45 -2.70
C ILE A 415 18.80 2.39 -2.44
N LYS A 416 19.22 2.80 -1.25
CA LYS A 416 20.64 2.78 -0.93
CA LYS A 416 20.64 2.79 -0.95
C LYS A 416 21.20 1.38 -1.04
N ASN A 417 20.47 0.41 -0.53
CA ASN A 417 20.96 -0.96 -0.53
C ASN A 417 20.96 -1.56 -1.92
N ALA A 418 19.95 -1.26 -2.72
CA ALA A 418 19.90 -1.76 -4.08
C ALA A 418 20.99 -1.12 -4.95
N TYR A 419 21.28 0.16 -4.75
CA TYR A 419 22.37 0.76 -5.49
C TYR A 419 23.66 0.03 -5.23
N ARG A 420 23.94 -0.23 -3.96
CA ARG A 420 25.18 -0.93 -3.62
CA ARG A 420 25.16 -0.94 -3.61
C ARG A 420 25.21 -2.33 -4.23
N GLU A 421 24.13 -3.10 -4.11
CA GLU A 421 24.16 -4.47 -4.59
C GLU A 421 24.13 -4.55 -6.12
N LEU A 422 23.18 -3.87 -6.74
CA LEU A 422 22.94 -4.05 -8.18
C LEU A 422 23.90 -3.27 -9.03
N VAL A 423 24.25 -2.05 -8.63
CA VAL A 423 25.10 -1.19 -9.44
C VAL A 423 26.56 -1.37 -9.09
N VAL A 424 26.89 -1.26 -7.81
CA VAL A 424 28.30 -1.23 -7.42
C VAL A 424 28.90 -2.63 -7.39
N GLU A 425 28.25 -3.57 -6.70
CA GLU A 425 28.88 -4.84 -6.37
C GLU A 425 28.66 -5.86 -7.49
N ASN A 426 27.39 -6.19 -7.79
CA ASN A 426 27.10 -7.24 -8.73
C ASN A 426 27.07 -6.77 -10.18
N LYS A 427 26.86 -5.47 -10.39
CA LYS A 427 26.88 -4.88 -11.74
C LYS A 427 25.84 -5.52 -12.66
N THR A 428 24.64 -5.80 -12.11
CA THR A 428 23.52 -6.27 -12.93
C THR A 428 22.69 -5.13 -13.47
N MET A 429 22.95 -3.90 -13.04
CA MET A 429 22.32 -2.70 -13.59
CA MET A 429 22.32 -2.72 -13.62
C MET A 429 23.38 -1.64 -13.75
N SER A 430 23.31 -0.88 -14.84
CA SER A 430 24.16 0.27 -14.93
C SER A 430 23.63 1.40 -14.05
N GLU A 431 24.51 2.36 -13.76
CA GLU A 431 24.12 3.59 -13.08
C GLU A 431 22.90 4.23 -13.75
N LYS A 432 23.00 4.42 -15.06
CA LYS A 432 21.94 5.15 -15.76
C LYS A 432 20.62 4.40 -15.68
N GLU A 433 20.67 3.07 -15.83
CA GLU A 433 19.42 2.30 -15.78
CA GLU A 433 19.43 2.30 -15.78
C GLU A 433 18.83 2.34 -14.38
N PHE A 434 19.67 2.27 -13.34
CA PHE A 434 19.16 2.31 -11.98
C PHE A 434 18.52 3.66 -11.67
N VAL A 435 19.16 4.76 -12.06
CA VAL A 435 18.57 6.07 -11.83
C VAL A 435 17.21 6.16 -12.52
N LYS A 436 17.12 5.70 -13.76
CA LYS A 436 15.85 5.73 -14.47
CA LYS A 436 15.86 5.74 -14.48
C LYS A 436 14.79 4.95 -13.72
N ALA A 437 15.15 3.78 -13.20
CA ALA A 437 14.19 2.94 -12.49
C ALA A 437 13.74 3.59 -11.20
N VAL A 438 14.66 4.22 -10.45
CA VAL A 438 14.30 4.90 -9.20
CA VAL A 438 14.25 4.86 -9.20
C VAL A 438 13.38 6.09 -9.47
N MET A 439 13.62 6.81 -10.56
CA MET A 439 12.77 7.94 -10.89
CA MET A 439 12.78 7.94 -10.93
C MET A 439 11.34 7.51 -11.20
N ILE A 440 11.13 6.26 -11.59
CA ILE A 440 9.79 5.73 -11.83
C ILE A 440 9.18 5.15 -10.56
N LYS A 441 9.93 4.32 -9.82
CA LYS A 441 9.35 3.45 -8.79
C LYS A 441 9.85 3.70 -7.37
N GLY A 442 10.79 4.61 -7.13
CA GLY A 442 11.29 4.80 -5.77
C GLY A 442 10.19 5.06 -4.77
N ARG A 443 10.29 4.45 -3.57
CA ARG A 443 9.25 4.66 -2.58
C ARG A 443 9.17 6.11 -2.14
N ASP A 444 10.28 6.86 -2.23
CA ASP A 444 10.29 8.23 -1.76
C ASP A 444 9.41 9.16 -2.57
N HIS A 445 8.99 8.79 -3.79
CA HIS A 445 8.01 9.62 -4.50
C HIS A 445 6.71 9.76 -3.74
N ALA A 446 6.39 8.77 -2.90
CA ALA A 446 5.20 8.79 -2.06
C ALA A 446 5.42 9.55 -0.75
N ARG A 447 6.67 9.86 -0.40
CA ARG A 447 7.03 10.28 0.95
C ARG A 447 7.46 11.73 1.06
N THR A 448 7.62 12.44 -0.05
CA THR A 448 7.86 13.87 0.06
C THR A 448 6.59 14.51 0.65
N PRO A 449 6.74 15.61 1.39
CA PRO A 449 5.61 16.07 2.19
C PRO A 449 4.35 16.43 1.40
N MET A 450 3.22 16.19 2.06
CA MET A 450 1.91 16.60 1.57
C MET A 450 1.93 18.10 1.25
N GLN A 451 1.26 18.45 0.16
CA GLN A 451 1.35 19.79 -0.41
C GLN A 451 0.07 20.57 -0.10
N TRP A 452 0.12 21.39 0.94
CA TRP A 452 -1.04 22.08 1.46
C TRP A 452 -1.32 23.40 0.74
N ASP A 453 -0.28 24.14 0.38
CA ASP A 453 -0.47 25.44 -0.28
C ASP A 453 0.80 25.75 -1.07
N ALA A 454 0.86 26.95 -1.65
CA ALA A 454 1.96 27.34 -2.51
C ALA A 454 3.04 28.12 -1.78
N GLY A 455 2.92 28.28 -0.46
CA GLY A 455 3.95 28.95 0.32
C GLY A 455 5.13 28.05 0.62
N LYS A 456 6.04 28.57 1.46
CA LYS A 456 7.28 27.86 1.71
C LYS A 456 7.02 26.44 2.20
N HIS A 457 7.73 25.48 1.61
CA HIS A 457 7.58 24.05 1.95
C HIS A 457 6.13 23.58 1.79
N ALA A 458 5.39 24.22 0.88
CA ALA A 458 4.00 23.88 0.60
C ALA A 458 3.14 23.93 1.86
N GLY A 459 3.52 24.72 2.86
CA GLY A 459 2.73 24.79 4.07
C GLY A 459 2.81 23.55 4.95
N PHE A 460 3.73 22.63 4.65
CA PHE A 460 3.90 21.44 5.48
C PHE A 460 4.58 21.76 6.78
N THR A 461 5.51 22.72 6.78
CA THR A 461 6.31 23.05 7.95
C THR A 461 6.76 24.50 7.88
N ALA A 462 6.92 25.10 9.05
CA ALA A 462 7.58 26.39 9.21
C ALA A 462 9.08 26.25 9.41
N GLY A 463 9.57 25.03 9.57
CA GLY A 463 10.99 24.73 9.73
C GLY A 463 11.58 24.18 8.46
N ASP A 464 12.41 23.15 8.58
CA ASP A 464 13.11 22.52 7.46
C ASP A 464 12.59 21.10 7.31
N PRO A 465 11.96 20.72 6.20
CA PRO A 465 11.33 19.40 6.13
C PRO A 465 12.37 18.28 6.13
N TRP A 466 11.95 17.10 6.63
CA TRP A 466 12.89 15.97 6.73
C TRP A 466 13.39 15.49 5.36
N ILE A 467 12.61 15.72 4.31
CA ILE A 467 13.01 15.49 2.92
C ILE A 467 12.36 16.58 2.10
N PRO A 468 12.99 17.05 1.02
CA PRO A 468 12.42 18.22 0.35
CA PRO A 468 12.43 18.22 0.34
C PRO A 468 11.04 17.97 -0.22
N VAL A 469 10.23 19.03 -0.21
CA VAL A 469 8.95 19.00 -0.90
C VAL A 469 9.18 18.90 -2.40
N ASN A 470 8.34 18.13 -3.09
CA ASN A 470 8.42 18.01 -4.54
C ASN A 470 8.42 19.40 -5.19
N SER A 471 9.31 19.60 -6.16
CA SER A 471 9.54 20.92 -6.75
C SER A 471 8.33 21.47 -7.48
N ARG A 472 7.29 20.67 -7.75
CA ARG A 472 6.10 21.12 -8.46
C ARG A 472 4.99 21.58 -7.51
N TYR A 473 5.29 21.74 -6.23
CA TYR A 473 4.22 21.98 -5.25
C TYR A 473 3.49 23.30 -5.47
N GLN A 474 4.12 24.31 -6.09
CA GLN A 474 3.43 25.59 -6.23
C GLN A 474 2.23 25.48 -7.15
N ASP A 475 2.21 24.48 -8.03
CA ASP A 475 1.12 24.23 -8.95
C ASP A 475 0.15 23.16 -8.50
N ILE A 476 0.52 22.34 -7.52
CA ILE A 476 -0.23 21.14 -7.12
C ILE A 476 -0.34 21.16 -5.59
N ASN A 477 -1.48 21.60 -5.06
CA ASN A 477 -1.58 21.73 -3.61
C ASN A 477 -3.05 21.85 -3.23
N VAL A 478 -3.33 21.64 -1.95
CA VAL A 478 -4.71 21.65 -1.48
C VAL A 478 -5.35 23.01 -1.72
N LYS A 479 -4.62 24.09 -1.42
CA LYS A 479 -5.20 25.43 -1.57
CA LYS A 479 -5.20 25.43 -1.57
C LYS A 479 -5.73 25.64 -2.97
N GLU A 480 -4.91 25.37 -4.00
CA GLU A 480 -5.37 25.60 -5.36
C GLU A 480 -6.47 24.62 -5.75
N SER A 481 -6.41 23.40 -5.22
CA SER A 481 -7.44 22.42 -5.53
C SER A 481 -8.80 22.84 -5.02
N LEU A 482 -8.86 23.45 -3.84
CA LEU A 482 -10.14 23.85 -3.28
C LEU A 482 -10.68 25.09 -3.95
N GLU A 483 -9.83 25.85 -4.65
CA GLU A 483 -10.25 27.03 -5.39
C GLU A 483 -10.70 26.69 -6.81
N ASP A 484 -10.50 25.45 -7.28
CA ASP A 484 -10.74 25.07 -8.66
C ASP A 484 -11.85 24.03 -8.70
N GLN A 485 -13.03 24.41 -9.20
CA GLN A 485 -14.12 23.44 -9.28
C GLN A 485 -13.79 22.25 -10.19
N ASP A 486 -12.84 22.39 -11.11
CA ASP A 486 -12.40 21.31 -11.97
C ASP A 486 -11.26 20.49 -11.38
N SER A 487 -10.99 20.64 -10.08
CA SER A 487 -9.86 19.96 -9.49
C SER A 487 -10.06 18.45 -9.39
N ILE A 488 -8.92 17.76 -9.34
CA ILE A 488 -8.91 16.35 -9.00
C ILE A 488 -9.58 16.12 -7.65
N PHE A 489 -9.35 17.03 -6.69
CA PHE A 489 -9.93 16.88 -5.36
C PHE A 489 -11.44 16.75 -5.43
N PHE A 490 -12.11 17.67 -6.12
CA PHE A 490 -13.58 17.60 -6.13
C PHE A 490 -14.07 16.37 -6.89
N TYR A 491 -13.28 15.86 -7.84
CA TYR A 491 -13.64 14.63 -8.51
C TYR A 491 -13.59 13.45 -7.55
N TYR A 492 -12.52 13.33 -6.75
CA TYR A 492 -12.47 12.31 -5.71
C TYR A 492 -13.64 12.49 -4.73
N GLN A 493 -13.89 13.71 -4.28
CA GLN A 493 -14.99 13.95 -3.35
C GLN A 493 -16.29 13.43 -3.92
N LYS A 494 -16.49 13.64 -5.22
CA LYS A 494 -17.70 13.18 -5.90
CA LYS A 494 -17.71 13.18 -5.89
C LYS A 494 -17.75 11.65 -5.99
N LEU A 495 -16.61 11.01 -6.33
CA LEU A 495 -16.59 9.54 -6.36
C LEU A 495 -16.96 8.95 -5.01
N ILE A 496 -16.49 9.57 -3.92
CA ILE A 496 -16.81 9.07 -2.59
C ILE A 496 -18.31 9.27 -2.30
N GLN A 497 -18.83 10.44 -2.62
CA GLN A 497 -20.27 10.69 -2.44
C GLN A 497 -21.11 9.69 -3.21
N LEU A 498 -20.73 9.41 -4.47
CA LEU A 498 -21.49 8.47 -5.28
C LEU A 498 -21.52 7.10 -4.63
N ARG A 499 -20.39 6.66 -4.07
CA ARG A 499 -20.34 5.35 -3.43
CA ARG A 499 -20.33 5.36 -3.42
C ARG A 499 -21.30 5.30 -2.25
N LYS A 500 -21.45 6.40 -1.53
CA LYS A 500 -22.38 6.45 -0.40
C LYS A 500 -23.83 6.50 -0.85
N GLN A 501 -24.11 6.94 -2.06
CA GLN A 501 -25.46 7.08 -2.58
C GLN A 501 -25.93 5.86 -3.34
N TYR A 502 -25.06 5.20 -4.07
CA TYR A 502 -25.43 4.15 -5.02
C TYR A 502 -24.90 2.81 -4.52
N LYS A 503 -25.81 2.02 -3.94
CA LYS A 503 -25.43 0.75 -3.35
CA LYS A 503 -25.43 0.75 -3.35
C LYS A 503 -24.79 -0.18 -4.38
N ILE A 504 -25.14 -0.02 -5.67
CA ILE A 504 -24.54 -0.84 -6.70
C ILE A 504 -23.02 -0.74 -6.69
N MET A 505 -22.48 0.44 -6.33
CA MET A 505 -21.03 0.58 -6.34
C MET A 505 -20.37 -0.30 -5.29
N ILE A 506 -21.06 -0.57 -4.20
CA ILE A 506 -20.53 -1.40 -3.14
C ILE A 506 -20.80 -2.87 -3.42
N TYR A 507 -22.03 -3.22 -3.80
CA TYR A 507 -22.47 -4.61 -3.80
C TYR A 507 -22.65 -5.24 -5.18
N GLY A 508 -22.56 -4.47 -6.28
CA GLY A 508 -22.75 -5.07 -7.57
C GLY A 508 -21.62 -6.03 -7.95
N ASP A 509 -21.95 -6.95 -8.86
CA ASP A 509 -20.96 -7.86 -9.43
C ASP A 509 -20.11 -7.12 -10.46
N TYR A 510 -19.29 -7.86 -11.20
CA TYR A 510 -18.36 -7.25 -12.15
C TYR A 510 -18.24 -8.09 -13.40
N GLN A 511 -18.21 -7.42 -14.56
CA GLN A 511 -17.96 -8.08 -15.84
C GLN A 511 -17.10 -7.16 -16.68
N LEU A 512 -15.95 -7.64 -17.14
CA LEU A 512 -15.11 -6.88 -18.05
C LEU A 512 -15.79 -6.80 -19.42
N LEU A 513 -15.81 -5.62 -20.01
CA LEU A 513 -16.33 -5.40 -21.35
C LEU A 513 -15.19 -5.07 -22.30
N GLN A 514 -15.45 -5.26 -23.59
CA GLN A 514 -14.49 -4.93 -24.64
C GLN A 514 -13.07 -5.34 -24.22
N GLU A 515 -12.92 -6.61 -23.88
CA GLU A 515 -11.74 -7.03 -23.13
C GLU A 515 -10.45 -6.84 -23.90
N ASN A 516 -10.48 -6.95 -25.23
CA ASN A 516 -9.26 -6.92 -26.02
C ASN A 516 -8.80 -5.51 -26.38
N ASP A 517 -9.58 -4.49 -26.04
CA ASP A 517 -9.23 -3.13 -26.44
C ASP A 517 -7.95 -2.69 -25.75
N PRO A 518 -6.93 -2.24 -26.48
CA PRO A 518 -5.66 -1.87 -25.86
C PRO A 518 -5.64 -0.49 -25.24
N GLN A 519 -6.70 0.31 -25.40
CA GLN A 519 -6.76 1.64 -24.81
C GLN A 519 -7.84 1.78 -23.75
N VAL A 520 -8.95 1.08 -23.88
CA VAL A 520 -10.14 1.32 -23.09
C VAL A 520 -10.29 0.24 -22.03
N PHE A 521 -10.43 0.67 -20.76
CA PHE A 521 -10.79 -0.19 -19.60
C PHE A 521 -12.24 0.11 -19.29
N SER A 522 -13.12 -0.80 -19.69
CA SER A 522 -14.57 -0.74 -19.55
CA SER A 522 -14.56 -0.73 -19.52
C SER A 522 -15.10 -1.98 -18.85
N TYR A 523 -16.09 -1.78 -17.98
CA TYR A 523 -16.68 -2.89 -17.24
C TYR A 523 -18.07 -2.49 -16.80
N LEU A 524 -18.80 -3.53 -16.35
CA LEU A 524 -20.18 -3.39 -15.92
C LEU A 524 -20.33 -3.96 -14.52
N ARG A 525 -21.07 -3.24 -13.67
CA ARG A 525 -21.53 -3.77 -12.41
C ARG A 525 -23.03 -3.98 -12.51
N GLU A 526 -23.56 -5.03 -11.88
CA GLU A 526 -25.00 -5.27 -11.85
C GLU A 526 -25.46 -5.56 -10.43
N TYR A 527 -26.61 -5.01 -10.05
CA TYR A 527 -27.15 -5.22 -8.72
C TYR A 527 -28.63 -4.93 -8.76
N ARG A 528 -29.43 -5.96 -8.47
CA ARG A 528 -30.88 -5.83 -8.31
C ARG A 528 -31.53 -5.11 -9.48
N GLY A 529 -31.15 -5.53 -10.69
CA GLY A 529 -31.75 -5.02 -11.90
C GLY A 529 -31.16 -3.74 -12.43
N GLU A 530 -30.29 -3.09 -11.66
CA GLU A 530 -29.59 -1.89 -12.09
C GLU A 530 -28.22 -2.27 -12.62
N LYS A 531 -27.69 -1.40 -13.49
CA LYS A 531 -26.38 -1.58 -14.11
C LYS A 531 -25.58 -0.30 -13.96
N LEU A 532 -24.29 -0.46 -13.70
CA LEU A 532 -23.33 0.65 -13.69
C LEU A 532 -22.29 0.38 -14.75
N LEU A 533 -22.18 1.28 -15.71
CA LEU A 533 -21.21 1.17 -16.78
C LEU A 533 -20.06 2.13 -16.51
N VAL A 534 -18.84 1.60 -16.53
CA VAL A 534 -17.62 2.38 -16.33
C VAL A 534 -16.80 2.25 -17.59
N VAL A 535 -16.46 3.39 -18.21
CA VAL A 535 -15.68 3.40 -19.46
C VAL A 535 -14.56 4.42 -19.30
N VAL A 536 -13.31 3.95 -19.41
CA VAL A 536 -12.18 4.82 -19.19
C VAL A 536 -11.14 4.58 -20.27
N ASN A 537 -10.78 5.64 -20.99
CA ASN A 537 -9.68 5.59 -21.97
C ASN A 537 -8.39 5.84 -21.22
N LEU A 538 -7.63 4.78 -20.91
CA LEU A 538 -6.32 4.92 -20.27
C LEU A 538 -5.25 5.00 -21.37
N SER A 539 -5.35 6.07 -22.14
CA SER A 539 -4.38 6.37 -23.17
C SER A 539 -4.51 7.85 -23.51
N GLU A 540 -3.48 8.38 -24.15
CA GLU A 540 -3.46 9.76 -24.60
C GLU A 540 -4.04 9.98 -25.98
N GLU A 541 -4.54 8.93 -26.64
CA GLU A 541 -5.05 9.03 -27.99
C GLU A 541 -6.55 8.77 -28.00
N LYS A 542 -7.20 9.17 -29.08
CA LYS A 542 -8.63 8.94 -29.20
C LYS A 542 -8.91 7.45 -29.20
N ALA A 543 -10.08 7.08 -28.67
CA ALA A 543 -10.50 5.69 -28.59
C ALA A 543 -12.00 5.65 -28.80
N LEU A 544 -12.52 4.45 -29.04
CA LEU A 544 -13.94 4.25 -29.25
C LEU A 544 -14.43 3.15 -28.33
N PHE A 545 -15.48 3.41 -27.60
CA PHE A 545 -16.20 2.39 -26.85
C PHE A 545 -17.52 2.13 -27.56
N GLU A 546 -17.83 0.86 -27.79
CA GLU A 546 -19.14 0.44 -28.26
C GLU A 546 -19.69 -0.60 -27.30
N ALA A 547 -20.89 -0.37 -26.80
CA ALA A 547 -21.50 -1.30 -25.88
C ALA A 547 -21.79 -2.62 -26.58
N PRO A 548 -21.71 -3.74 -25.86
CA PRO A 548 -22.04 -5.01 -26.48
C PRO A 548 -23.53 -5.12 -26.74
N PRO A 549 -23.92 -6.08 -27.58
CA PRO A 549 -25.32 -6.11 -28.06
C PRO A 549 -26.37 -6.17 -26.97
N GLU A 550 -26.08 -6.85 -25.87
CA GLU A 550 -27.08 -6.97 -24.82
C GLU A 550 -27.40 -5.65 -24.14
N LEU A 551 -26.53 -4.64 -24.29
CA LEU A 551 -26.69 -3.36 -23.61
C LEU A 551 -27.17 -2.24 -24.51
N ILE A 552 -27.43 -2.51 -25.79
CA ILE A 552 -27.61 -1.39 -26.70
C ILE A 552 -28.92 -0.64 -26.47
N HIS A 553 -29.91 -1.24 -25.81
CA HIS A 553 -31.19 -0.60 -25.57
C HIS A 553 -31.35 -0.13 -24.13
N GLU A 554 -30.27 -0.10 -23.36
CA GLU A 554 -30.30 0.54 -22.05
C GLU A 554 -30.35 2.06 -22.19
N ARG A 555 -30.99 2.70 -21.21
CA ARG A 555 -30.95 4.13 -21.04
C ARG A 555 -30.05 4.44 -19.86
N TRP A 556 -29.25 5.49 -19.99
CA TRP A 556 -28.23 5.80 -19.01
C TRP A 556 -28.39 7.21 -18.46
N LYS A 557 -28.05 7.34 -17.19
CA LYS A 557 -27.82 8.63 -16.55
CA LYS A 557 -27.81 8.63 -16.55
C LYS A 557 -26.34 8.69 -16.19
N VAL A 558 -25.65 9.72 -16.68
CA VAL A 558 -24.24 9.89 -16.38
C VAL A 558 -24.08 10.37 -14.94
N LEU A 559 -23.26 9.66 -14.17
CA LEU A 559 -23.02 10.03 -12.79
C LEU A 559 -21.77 10.88 -12.61
N ILE A 560 -20.74 10.65 -13.42
CA ILE A 560 -19.51 11.42 -13.33
C ILE A 560 -18.78 11.31 -14.66
N ARG A 561 -18.07 12.37 -15.02
CA ARG A 561 -17.24 12.42 -16.23
C ARG A 561 -16.14 13.43 -15.98
N ASN A 562 -14.96 13.19 -16.57
CA ASN A 562 -13.85 14.11 -16.42
C ASN A 562 -13.64 15.06 -17.60
N TYR A 563 -14.62 15.20 -18.47
CA TYR A 563 -14.69 16.23 -19.50
C TYR A 563 -16.04 16.90 -19.41
N PRO A 564 -16.17 18.12 -19.97
CA PRO A 564 -17.42 18.88 -19.83
C PRO A 564 -18.54 18.56 -20.83
N GLN A 565 -18.24 18.04 -22.02
CA GLN A 565 -19.29 17.75 -22.98
C GLN A 565 -20.17 16.63 -22.45
N GLU A 566 -21.49 16.80 -22.50
CA GLU A 566 -22.42 15.93 -21.80
C GLU A 566 -23.44 15.34 -22.76
N ARG A 567 -23.41 14.02 -22.91
CA ARG A 567 -24.43 13.28 -23.63
C ARG A 567 -24.50 11.90 -23.00
N ALA A 568 -25.67 11.30 -23.04
CA ALA A 568 -25.95 10.09 -22.27
C ALA A 568 -26.14 8.86 -23.15
N ASP A 569 -25.85 8.97 -24.45
CA ASP A 569 -25.97 7.82 -25.37
C ASP A 569 -24.68 6.99 -25.31
N LEU A 570 -24.51 6.32 -24.16
CA LEU A 570 -23.29 5.60 -23.87
C LEU A 570 -23.10 4.33 -24.69
N LYS A 571 -24.07 3.95 -25.52
CA LYS A 571 -23.86 2.78 -26.38
C LYS A 571 -22.69 2.99 -27.35
N SER A 572 -22.33 4.22 -27.63
CA SER A 572 -21.16 4.49 -28.46
C SER A 572 -20.53 5.78 -27.93
N ILE A 573 -19.26 5.73 -27.56
CA ILE A 573 -18.57 6.89 -27.01
C ILE A 573 -17.27 7.09 -27.76
N SER A 574 -17.13 8.25 -28.38
CA SER A 574 -15.86 8.65 -28.99
C SER A 574 -15.05 9.30 -27.87
N LEU A 575 -14.10 8.56 -27.32
CA LEU A 575 -13.41 8.98 -26.10
C LEU A 575 -12.24 9.89 -26.43
N LYS A 576 -12.17 10.98 -25.71
CA LYS A 576 -11.05 11.91 -25.75
C LYS A 576 -9.90 11.37 -24.90
N PRO A 577 -8.73 11.98 -24.99
CA PRO A 577 -7.59 11.49 -24.19
C PRO A 577 -7.89 11.40 -22.69
N TYR A 578 -7.66 10.23 -22.10
CA TYR A 578 -7.90 9.98 -20.68
C TYR A 578 -9.35 10.23 -20.27
N GLU A 579 -10.31 10.19 -21.20
CA GLU A 579 -11.69 10.41 -20.85
C GLU A 579 -12.23 9.24 -20.05
N ALA A 580 -13.00 9.58 -19.01
CA ALA A 580 -13.60 8.63 -18.08
C ALA A 580 -15.04 9.02 -17.87
N VAL A 581 -15.90 8.00 -17.84
CA VAL A 581 -17.31 8.23 -17.59
C VAL A 581 -17.90 7.03 -16.84
N MET A 582 -18.85 7.34 -15.95
CA MET A 582 -19.64 6.32 -15.28
CA MET A 582 -19.64 6.31 -15.29
C MET A 582 -21.11 6.65 -15.49
N GLY A 583 -21.88 5.65 -15.88
CA GLY A 583 -23.32 5.82 -16.04
C GLY A 583 -24.08 4.75 -15.29
N ILE A 584 -25.30 5.09 -14.89
CA ILE A 584 -26.18 4.14 -14.24
C ILE A 584 -27.41 3.97 -15.10
N SER A 585 -27.91 2.73 -15.18
CA SER A 585 -29.08 2.50 -16.00
C SER A 585 -30.31 3.11 -15.34
N ILE A 586 -31.25 3.52 -16.18
CA ILE A 586 -32.49 4.09 -15.71
C ILE A 586 -33.69 3.42 -16.40
C TRS B . 7.79 -3.36 5.26
C1 TRS B . 8.62 -3.64 6.55
C2 TRS B . 7.09 -4.64 4.83
C3 TRS B . 8.72 -2.85 4.17
N TRS B . 6.73 -2.32 5.56
O1 TRS B . 7.83 -3.68 7.72
O2 TRS B . 6.22 -4.42 3.74
O3 TRS B . 9.16 -1.53 4.40
H11 TRS B . 9.14 -4.58 6.44
H12 TRS B . 9.36 -2.84 6.66
H21 TRS B . 6.53 -5.05 5.67
H22 TRS B . 7.84 -5.38 4.54
H31 TRS B . 9.58 -3.51 4.10
H32 TRS B . 8.19 -2.89 3.22
HN1 TRS B . 6.98 -1.44 6.00
HN2 TRS B . 5.95 -2.54 6.18
HN3 TRS B . 6.17 -1.91 4.81
HO1 TRS B . 6.88 -3.70 7.47
HO2 TRS B . 6.06 -5.28 3.29
HO3 TRS B . 8.89 -1.25 5.31
C1 GOL C . 6.69 -4.43 0.38
O1 GOL C . 7.39 -5.17 1.36
C2 GOL C . 7.38 -3.07 0.08
O2 GOL C . 7.45 -2.21 1.12
C3 GOL C . 8.78 -3.34 -0.51
O3 GOL C . 9.24 -2.11 -1.08
H31 GOL C . 8.72 -4.06 -1.16
H32 GOL C . 9.36 -3.68 0.20
HO3 GOL C . 9.89 -2.31 -1.60
CA CA D . 6.87 17.96 14.07
#